data_8YTN
#
_entry.id   8YTN
#
_cell.length_a   33.620
_cell.length_b   85.640
_cell.length_c   178.150
_cell.angle_alpha   90.00
_cell.angle_beta   90.00
_cell.angle_gamma   90.00
#
_symmetry.space_group_name_H-M   'I 2 2 2'
#
loop_
_entity.id
_entity.type
_entity.pdbx_description
1 polymer 'Single-chain Fv antibody of E11'
2 non-polymer GLYCEROL
3 water water
#
_entity_poly.entity_id   1
_entity_poly.type   'polypeptide(L)'
_entity_poly.pdbx_seq_one_letter_code
;GSAQAVVTQESALTTSPGETVTLTCRSSTGAVISSNFVSWVQEKPDHLFTGLIGGNKNRAPGVPARFSGSLIGDKAVLTI
TGAQTEDEAIYFCALWYSNHWVFGGGTKLTVLGQGGGGSGGGGSGGGGSQVQLQQPGAELAKPGASVQLSCKGSGYTFPN
YWMHWVTQRPGRGLEWIGRIDPNSGFIRYDERFKTKATLTVDKPSSTAYMQLSSLTSDDSAVYFCARGCYGCIHFDYWGQ
GTTLTVSS
;
_entity_poly.pdbx_strand_id   A
#
# COMPACT_ATOMS: atom_id res chain seq x y z
N ALA A 3 -9.61 -10.86 -12.34
CA ALA A 3 -10.17 -10.41 -13.61
C ALA A 3 -10.41 -8.90 -13.57
N GLN A 4 -11.68 -8.50 -13.64
CA GLN A 4 -12.08 -7.11 -13.41
C GLN A 4 -12.33 -6.85 -11.92
N ALA A 5 -11.47 -7.34 -11.05
CA ALA A 5 -11.80 -7.43 -9.63
C ALA A 5 -11.83 -6.06 -8.98
N VAL A 6 -12.87 -5.81 -8.19
CA VAL A 6 -13.06 -4.57 -7.45
CA VAL A 6 -13.00 -4.57 -7.44
C VAL A 6 -13.14 -4.91 -5.96
N VAL A 7 -12.49 -4.11 -5.13
CA VAL A 7 -12.47 -4.31 -3.68
C VAL A 7 -13.21 -3.14 -3.06
N THR A 8 -14.19 -3.42 -2.22
CA THR A 8 -15.06 -2.40 -1.65
CA THR A 8 -15.01 -2.37 -1.65
C THR A 8 -14.98 -2.43 -0.14
N GLN A 9 -14.92 -1.24 0.46
CA GLN A 9 -14.82 -1.03 1.90
C GLN A 9 -15.89 -0.04 2.33
N GLU A 10 -16.17 0.00 3.64
CA GLU A 10 -17.02 1.05 4.17
C GLU A 10 -16.49 2.41 3.75
N SER A 11 -17.41 3.31 3.36
CA SER A 11 -16.98 4.66 3.01
CA SER A 11 -17.02 4.67 3.00
C SER A 11 -16.47 5.42 4.23
N ALA A 12 -17.18 5.34 5.34
CA ALA A 12 -16.76 6.08 6.52
C ALA A 12 -17.28 5.38 7.76
N LEU A 13 -16.58 5.61 8.87
CA LEU A 13 -17.00 5.11 10.17
C LEU A 13 -16.68 6.17 11.22
N THR A 14 -17.50 6.24 12.26
CA THR A 14 -17.29 7.16 13.37
C THR A 14 -17.21 6.38 14.67
N THR A 15 -16.24 6.71 15.50
CA THR A 15 -16.04 5.96 16.73
C THR A 15 -15.56 6.92 17.81
N SER A 16 -15.33 6.39 19.01
CA SER A 16 -14.80 7.17 20.11
C SER A 16 -13.91 6.25 20.94
N PRO A 17 -13.10 6.81 21.85
CA PRO A 17 -12.15 5.96 22.57
C PRO A 17 -12.84 4.87 23.37
N GLY A 18 -12.29 3.66 23.28
CA GLY A 18 -12.83 2.53 23.98
C GLY A 18 -13.88 1.73 23.22
N GLU A 19 -14.39 2.27 22.10
CA GLU A 19 -15.32 1.52 21.28
C GLU A 19 -14.56 0.46 20.47
N THR A 20 -15.30 -0.53 19.99
CA THR A 20 -14.77 -1.51 19.05
C THR A 20 -15.21 -1.13 17.64
N VAL A 21 -14.24 -1.03 16.74
CA VAL A 21 -14.45 -0.69 15.33
C VAL A 21 -14.25 -1.95 14.51
N THR A 22 -15.18 -2.21 13.59
CA THR A 22 -15.10 -3.30 12.62
C THR A 22 -15.03 -2.69 11.22
N LEU A 23 -13.92 -2.93 10.54
CA LEU A 23 -13.76 -2.52 9.16
C LEU A 23 -13.77 -3.76 8.28
N THR A 24 -14.50 -3.72 7.17
CA THR A 24 -14.59 -4.88 6.31
C THR A 24 -14.12 -4.56 4.90
N CYS A 25 -13.88 -5.64 4.17
CA CYS A 25 -13.22 -5.57 2.87
C CYS A 25 -13.78 -6.71 2.03
N ARG A 26 -14.49 -6.39 0.97
CA ARG A 26 -15.19 -7.42 0.20
C ARG A 26 -14.79 -7.38 -1.27
N SER A 27 -14.91 -8.53 -1.91
CA SER A 27 -14.45 -8.73 -3.27
C SER A 27 -15.63 -8.77 -4.23
N SER A 28 -15.46 -8.18 -5.42
CA SER A 28 -16.49 -8.27 -6.45
C SER A 28 -16.67 -9.71 -6.97
N THR A 29 -15.69 -10.59 -6.78
CA THR A 29 -15.89 -11.99 -7.11
C THR A 29 -16.92 -12.65 -6.22
N GLY A 30 -17.25 -12.03 -5.09
CA GLY A 30 -18.23 -12.57 -4.16
C GLY A 30 -17.64 -13.17 -2.90
N ALA A 31 -16.32 -13.29 -2.80
CA ALA A 31 -15.70 -13.89 -1.62
C ALA A 31 -14.23 -13.50 -1.55
N VAL A 32 -13.76 -13.16 -0.35
CA VAL A 32 -12.33 -13.05 -0.06
C VAL A 32 -11.88 -14.39 0.49
N ILE A 33 -10.76 -14.89 -0.03
CA ILE A 33 -10.23 -16.20 0.34
C ILE A 33 -8.76 -16.04 0.69
N SER A 34 -8.20 -17.06 1.35
CA SER A 34 -6.88 -16.90 1.95
C SER A 34 -5.79 -16.68 0.91
N SER A 35 -5.99 -17.08 -0.34
CA SER A 35 -4.99 -16.81 -1.37
C SER A 35 -5.01 -15.36 -1.83
N ASN A 36 -5.90 -14.53 -1.28
CA ASN A 36 -5.82 -13.10 -1.51
C ASN A 36 -4.78 -12.41 -0.63
N PHE A 37 -4.21 -13.11 0.36
CA PHE A 37 -3.06 -12.62 1.13
C PHE A 37 -3.28 -11.20 1.65
N VAL A 38 -4.40 -10.98 2.35
CA VAL A 38 -4.87 -9.62 2.57
C VAL A 38 -3.90 -8.83 3.47
N SER A 39 -3.64 -7.57 3.08
CA SER A 39 -2.96 -6.61 3.93
C SER A 39 -3.93 -5.48 4.29
N TRP A 40 -3.76 -4.91 5.48
CA TRP A 40 -4.43 -3.68 5.88
C TRP A 40 -3.37 -2.61 6.14
N VAL A 41 -3.55 -1.43 5.55
CA VAL A 41 -2.59 -0.33 5.74
C VAL A 41 -3.35 0.91 6.18
N GLN A 42 -2.63 1.80 6.87
CA GLN A 42 -3.21 2.99 7.47
C GLN A 42 -2.56 4.23 6.88
N GLU A 43 -3.38 5.20 6.46
CA GLU A 43 -2.86 6.45 5.91
C GLU A 43 -3.20 7.60 6.82
N LYS A 44 -2.18 8.32 7.26
CA LYS A 44 -2.34 9.54 8.02
C LYS A 44 -1.92 10.75 7.20
N PRO A 45 -2.30 11.97 7.62
CA PRO A 45 -2.07 13.14 6.77
C PRO A 45 -0.61 13.31 6.38
N ASP A 46 -0.41 13.95 5.22
CA ASP A 46 0.86 14.01 4.49
C ASP A 46 1.18 12.66 3.84
N HIS A 47 0.14 11.96 3.37
CA HIS A 47 0.23 10.60 2.81
CA HIS A 47 0.29 10.63 2.76
C HIS A 47 1.29 9.77 3.52
N LEU A 48 1.05 9.56 4.83
CA LEU A 48 1.94 8.79 5.68
CA LEU A 48 1.94 8.80 5.69
C LEU A 48 1.34 7.40 5.89
N PHE A 49 1.95 6.39 5.27
N PHE A 49 1.94 6.40 5.24
CA PHE A 49 1.37 5.05 5.22
CA PHE A 49 1.44 5.03 5.26
C PHE A 49 2.06 4.11 6.19
C PHE A 49 2.27 4.15 6.16
N THR A 50 1.25 3.30 6.88
N THR A 50 1.60 3.16 6.76
CA THR A 50 1.76 2.31 7.81
CA THR A 50 2.31 2.01 7.32
C THR A 50 1.01 1.01 7.61
C THR A 50 1.36 0.82 7.32
N GLY A 51 1.73 -0.09 7.40
N GLY A 51 1.95 -0.37 7.31
CA GLY A 51 1.08 -1.39 7.33
CA GLY A 51 1.16 -1.60 7.30
C GLY A 51 0.73 -1.90 8.72
C GLY A 51 0.77 -2.01 8.71
N LEU A 52 -0.45 -2.52 8.82
CA LEU A 52 -0.97 -3.02 10.10
C LEU A 52 -1.07 -4.54 10.14
N ILE A 53 -1.67 -5.12 9.11
CA ILE A 53 -1.97 -6.54 9.03
C ILE A 53 -1.46 -7.04 7.69
N GLY A 54 -0.92 -8.26 7.65
CA GLY A 54 -0.57 -8.90 6.40
C GLY A 54 -0.84 -10.39 6.47
N GLY A 55 -0.84 -11.03 5.31
CA GLY A 55 -1.17 -12.44 5.25
C GLY A 55 -2.52 -12.76 5.86
N ASN A 56 -3.53 -11.93 5.58
CA ASN A 56 -4.91 -12.07 6.04
C ASN A 56 -5.08 -11.77 7.53
N LYS A 57 -4.13 -12.19 8.38
CA LYS A 57 -4.42 -12.16 9.81
C LYS A 57 -3.19 -11.92 10.69
N ASN A 58 -2.04 -11.58 10.16
CA ASN A 58 -0.84 -11.42 10.97
C ASN A 58 -0.59 -9.94 11.25
N ARG A 59 -0.46 -9.60 12.54
CA ARG A 59 -0.16 -8.24 12.95
C ARG A 59 1.31 -7.92 12.72
N ALA A 60 1.58 -6.78 12.11
CA ALA A 60 2.96 -6.38 11.85
C ALA A 60 3.67 -6.00 13.16
N PRO A 61 4.97 -6.30 13.26
CA PRO A 61 5.71 -5.94 14.49
C PRO A 61 5.63 -4.44 14.75
N GLY A 62 5.48 -4.08 16.03
CA GLY A 62 5.32 -2.68 16.39
C GLY A 62 3.95 -2.10 16.15
N VAL A 63 2.98 -2.90 15.70
CA VAL A 63 1.60 -2.45 15.61
C VAL A 63 0.91 -2.67 16.96
N PRO A 64 0.16 -1.69 17.48
CA PRO A 64 -0.48 -1.89 18.79
C PRO A 64 -1.41 -3.09 18.82
N ALA A 65 -1.53 -3.68 20.01
CA ALA A 65 -2.30 -4.92 20.20
C ALA A 65 -3.78 -4.77 19.89
N ARG A 66 -4.32 -3.57 19.93
CA ARG A 66 -5.74 -3.38 19.69
C ARG A 66 -6.15 -3.64 18.24
N PHE A 67 -5.19 -3.77 17.32
CA PHE A 67 -5.47 -4.10 15.93
C PHE A 67 -5.40 -5.61 15.73
N SER A 68 -6.45 -6.17 15.11
CA SER A 68 -6.43 -7.56 14.71
C SER A 68 -7.15 -7.71 13.38
N GLY A 69 -6.78 -8.75 12.63
CA GLY A 69 -7.39 -9.00 11.34
C GLY A 69 -7.64 -10.47 11.15
N SER A 70 -8.66 -10.78 10.35
CA SER A 70 -8.98 -12.16 9.97
C SER A 70 -9.98 -12.14 8.82
N LEU A 71 -10.17 -13.31 8.22
CA LEU A 71 -11.24 -13.51 7.23
C LEU A 71 -12.47 -14.07 7.94
N ILE A 72 -13.59 -13.40 7.79
CA ILE A 72 -14.85 -13.81 8.41
C ILE A 72 -15.96 -13.76 7.37
N GLY A 73 -16.69 -14.86 7.24
N GLY A 73 -16.62 -14.90 7.16
CA GLY A 73 -17.70 -14.93 6.22
CA GLY A 73 -17.75 -15.00 6.25
C GLY A 73 -17.07 -14.88 4.85
C GLY A 73 -17.62 -14.28 4.91
N ASP A 74 -17.59 -14.02 3.98
N ASP A 74 -16.65 -14.68 4.09
CA ASP A 74 -17.01 -13.82 2.66
CA ASP A 74 -16.41 -14.23 2.72
C ASP A 74 -16.09 -12.62 2.59
C ASP A 74 -15.75 -12.85 2.63
N LYS A 75 -15.61 -12.13 3.74
CA LYS A 75 -14.91 -10.84 3.76
C LYS A 75 -13.65 -10.90 4.63
N ALA A 76 -12.75 -9.92 4.41
CA ALA A 76 -11.64 -9.66 5.29
C ALA A 76 -12.06 -8.60 6.30
N VAL A 77 -11.59 -8.74 7.55
CA VAL A 77 -12.05 -7.89 8.65
C VAL A 77 -10.85 -7.38 9.43
N LEU A 78 -10.83 -6.07 9.67
CA LEU A 78 -9.89 -5.42 10.58
C LEU A 78 -10.70 -4.92 11.76
N THR A 79 -10.32 -5.34 12.96
CA THR A 79 -10.99 -4.92 14.18
C THR A 79 -10.04 -4.11 15.04
N ILE A 80 -10.52 -2.98 15.55
CA ILE A 80 -9.80 -2.20 16.54
C ILE A 80 -10.59 -2.35 17.84
N THR A 81 -10.07 -3.10 18.80
CA THR A 81 -10.79 -3.36 20.06
C THR A 81 -10.29 -2.35 21.09
N GLY A 82 -10.99 -1.23 21.19
CA GLY A 82 -10.59 -0.15 22.06
C GLY A 82 -9.95 0.97 21.27
N ALA A 83 -10.74 1.67 20.45
CA ALA A 83 -10.19 2.72 19.59
C ALA A 83 -9.50 3.80 20.42
N GLN A 84 -8.53 4.46 19.79
CA GLN A 84 -7.81 5.57 20.38
C GLN A 84 -7.85 6.74 19.41
N THR A 85 -7.67 7.96 19.93
CA THR A 85 -7.82 9.11 19.04
C THR A 85 -6.76 9.10 17.94
N GLU A 86 -5.58 8.52 18.20
CA GLU A 86 -4.55 8.46 17.17
C GLU A 86 -4.92 7.51 16.03
N ASP A 87 -5.99 6.73 16.17
CA ASP A 87 -6.42 5.82 15.13
C ASP A 87 -7.24 6.52 14.05
N GLU A 88 -7.57 7.79 14.23
CA GLU A 88 -8.23 8.54 13.17
C GLU A 88 -7.34 8.58 11.94
N ALA A 89 -7.81 7.98 10.85
CA ALA A 89 -7.01 7.77 9.64
C ALA A 89 -7.84 7.15 8.53
N ILE A 90 -7.24 6.95 7.36
CA ILE A 90 -7.88 6.20 6.28
C ILE A 90 -7.27 4.80 6.26
N TYR A 91 -8.12 3.78 6.19
CA TYR A 91 -7.69 2.40 6.25
C TYR A 91 -7.97 1.77 4.89
N PHE A 92 -6.92 1.20 4.26
N PHE A 92 -6.94 1.20 4.25
CA PHE A 92 -7.04 0.52 2.96
CA PHE A 92 -7.06 0.50 2.98
C PHE A 92 -6.77 -0.97 3.14
C PHE A 92 -6.76 -0.98 3.19
N CYS A 93 -7.57 -1.80 2.44
N CYS A 93 -7.50 -1.88 2.53
CA CYS A 93 -7.20 -3.20 2.31
CA CYS A 93 -7.06 -3.26 2.59
C CYS A 93 -6.62 -3.41 0.91
C CYS A 93 -6.66 -3.64 1.17
N ALA A 94 -5.84 -4.46 0.79
N ALA A 94 -5.68 -4.54 1.03
CA ALA A 94 -5.13 -4.81 -0.45
CA ALA A 94 -5.13 -4.91 -0.27
C ALA A 94 -5.19 -6.30 -0.59
C ALA A 94 -5.35 -6.40 -0.52
N LEU A 95 -5.66 -6.77 -1.76
CA LEU A 95 -5.93 -8.16 -2.09
C LEU A 95 -5.10 -8.58 -3.29
N TRP A 96 -4.55 -9.80 -3.21
CA TRP A 96 -3.80 -10.38 -4.33
C TRP A 96 -4.74 -11.18 -5.21
N TYR A 97 -4.81 -10.82 -6.50
CA TYR A 97 -5.67 -11.50 -7.48
C TYR A 97 -4.80 -12.11 -8.57
N SER A 98 -4.31 -13.34 -8.34
CA SER A 98 -3.60 -14.13 -9.34
C SER A 98 -2.28 -13.52 -9.80
N ASN A 99 -2.30 -12.28 -10.31
CA ASN A 99 -1.04 -11.71 -10.79
C ASN A 99 -0.93 -10.22 -10.51
N HIS A 100 -1.74 -9.66 -9.62
CA HIS A 100 -1.58 -8.26 -9.24
C HIS A 100 -2.33 -8.00 -7.94
N TRP A 101 -1.99 -6.88 -7.32
CA TRP A 101 -2.63 -6.40 -6.10
C TRP A 101 -3.68 -5.36 -6.44
N VAL A 102 -4.80 -5.41 -5.73
CA VAL A 102 -5.89 -4.45 -5.91
C VAL A 102 -6.21 -3.87 -4.55
N PHE A 103 -6.24 -2.55 -4.46
CA PHE A 103 -6.59 -1.88 -3.19
C PHE A 103 -8.08 -1.53 -3.16
N GLY A 104 -8.65 -1.59 -1.95
CA GLY A 104 -9.98 -1.07 -1.74
C GLY A 104 -9.99 0.44 -1.82
N GLY A 105 -11.19 1.02 -1.80
CA GLY A 105 -11.33 2.46 -1.88
C GLY A 105 -10.97 3.22 -0.63
N GLY A 106 -10.72 2.53 0.47
CA GLY A 106 -10.36 3.17 1.71
C GLY A 106 -11.54 3.53 2.59
N THR A 107 -11.42 3.34 3.90
CA THR A 107 -12.42 3.75 4.88
C THR A 107 -11.87 4.90 5.70
N LYS A 108 -12.59 6.01 5.73
CA LYS A 108 -12.23 7.13 6.60
C LYS A 108 -12.81 6.89 7.99
N LEU A 109 -11.94 6.74 8.98
CA LEU A 109 -12.35 6.53 10.37
C LEU A 109 -12.15 7.82 11.15
N THR A 110 -13.22 8.37 11.70
CA THR A 110 -13.16 9.53 12.60
C THR A 110 -13.27 9.05 14.04
N VAL A 111 -12.40 9.57 14.91
CA VAL A 111 -12.45 9.25 16.33
C VAL A 111 -12.80 10.54 17.07
N LEU A 112 -13.99 10.60 17.64
CA LEU A 112 -14.37 11.76 18.43
C LEU A 112 -13.54 11.84 19.71
N GLY A 113 -13.32 13.07 20.17
CA GLY A 113 -12.47 13.31 21.32
C GLY A 113 -11.11 13.86 20.99
N GLN A 114 -10.86 14.22 19.73
CA GLN A 114 -9.56 14.70 19.25
C GLN A 114 -9.00 15.83 20.12
N SER A 129 11.61 3.80 14.43
CA SER A 129 11.50 2.66 13.54
C SER A 129 12.83 2.40 12.85
N GLN A 130 13.41 1.23 13.15
CA GLN A 130 14.66 0.82 12.53
C GLN A 130 14.58 0.83 11.02
N VAL A 131 13.47 0.37 10.46
CA VAL A 131 13.33 0.25 9.02
C VAL A 131 12.95 1.60 8.44
N GLN A 132 13.67 2.02 7.39
CA GLN A 132 13.35 3.25 6.69
C GLN A 132 13.45 3.00 5.19
N LEU A 133 12.46 3.48 4.46
CA LEU A 133 12.48 3.53 3.00
C LEU A 133 12.54 5.00 2.60
N GLN A 134 13.62 5.40 1.96
CA GLN A 134 13.95 6.80 1.77
C GLN A 134 13.74 7.17 0.31
N GLN A 135 12.78 8.07 0.07
CA GLN A 135 12.36 8.62 -1.21
C GLN A 135 12.48 10.14 -1.19
N PRO A 136 12.87 10.75 -2.29
CA PRO A 136 12.79 12.21 -2.40
C PRO A 136 11.36 12.69 -2.24
N GLY A 137 11.20 13.88 -1.66
CA GLY A 137 9.87 14.41 -1.44
C GLY A 137 9.16 14.80 -2.73
N ALA A 138 9.90 15.27 -3.72
CA ALA A 138 9.26 15.77 -4.93
C ALA A 138 10.19 15.59 -6.11
N GLU A 139 9.57 15.47 -7.29
CA GLU A 139 10.30 15.48 -8.54
C GLU A 139 9.48 16.26 -9.56
N LEU A 140 10.18 16.95 -10.46
CA LEU A 140 9.53 17.68 -11.55
C LEU A 140 10.04 17.15 -12.87
N ALA A 141 9.13 16.98 -13.83
CA ALA A 141 9.50 16.50 -15.16
C ALA A 141 8.59 17.13 -16.20
N LYS A 142 9.11 17.23 -17.49
CA LYS A 142 8.24 17.83 -18.48
C LYS A 142 7.48 16.76 -19.26
N PRO A 143 6.31 17.10 -19.83
CA PRO A 143 5.54 16.09 -20.57
C PRO A 143 6.34 15.56 -21.75
N GLY A 144 6.03 14.31 -22.12
CA GLY A 144 6.77 13.61 -23.15
C GLY A 144 8.08 13.00 -22.70
N ALA A 145 8.62 13.41 -21.57
CA ALA A 145 9.92 12.94 -21.11
C ALA A 145 9.77 11.69 -20.22
N SER A 146 10.87 11.24 -19.64
CA SER A 146 10.86 10.17 -18.66
C SER A 146 11.55 10.64 -17.39
N VAL A 147 11.24 9.98 -16.28
CA VAL A 147 11.79 10.35 -14.98
C VAL A 147 12.16 9.08 -14.22
N GLN A 148 13.22 9.16 -13.43
CA GLN A 148 13.68 8.04 -12.61
C GLN A 148 13.40 8.36 -11.15
N LEU A 149 12.61 7.52 -10.48
CA LEU A 149 12.34 7.64 -9.06
C LEU A 149 13.20 6.63 -8.29
N SER A 150 13.63 7.01 -7.10
CA SER A 150 14.51 6.14 -6.32
C SER A 150 13.94 5.91 -4.92
N CYS A 151 14.29 4.76 -4.34
CA CYS A 151 13.86 4.40 -2.98
C CYS A 151 14.98 3.61 -2.34
N LYS A 152 15.61 4.18 -1.31
CA LYS A 152 16.73 3.53 -0.63
C LYS A 152 16.27 2.89 0.67
N GLY A 153 16.56 1.60 0.83
CA GLY A 153 16.15 0.86 2.01
C GLY A 153 17.29 0.71 2.98
N SER A 154 17.00 0.96 4.26
CA SER A 154 18.02 0.87 5.30
C SER A 154 17.38 0.34 6.58
N GLY A 155 18.21 -0.21 7.46
CA GLY A 155 17.70 -0.84 8.66
C GLY A 155 17.20 -2.25 8.48
N TYR A 156 17.37 -2.83 7.30
CA TYR A 156 16.99 -4.21 7.06
C TYR A 156 17.88 -4.74 5.92
N THR A 157 17.80 -6.04 5.68
CA THR A 157 18.60 -6.67 4.63
C THR A 157 17.88 -6.54 3.29
N PHE A 158 18.26 -5.51 2.53
CA PHE A 158 17.60 -5.13 1.28
C PHE A 158 17.37 -6.28 0.30
N PRO A 159 18.34 -7.15 -0.01
CA PRO A 159 18.10 -8.18 -1.03
C PRO A 159 17.13 -9.26 -0.60
N ASN A 160 16.78 -9.33 0.68
CA ASN A 160 15.90 -10.37 1.20
C ASN A 160 14.42 -9.98 1.12
N TYR A 161 14.11 -8.82 0.56
CA TYR A 161 12.73 -8.34 0.46
C TYR A 161 12.45 -7.86 -0.95
N TRP A 162 11.21 -8.06 -1.39
CA TRP A 162 10.74 -7.41 -2.61
C TRP A 162 10.54 -5.92 -2.34
N MET A 163 10.59 -5.14 -3.41
CA MET A 163 10.15 -3.75 -3.38
C MET A 163 8.90 -3.65 -4.24
N HIS A 164 7.77 -3.32 -3.61
CA HIS A 164 6.57 -2.92 -4.33
C HIS A 164 6.65 -1.43 -4.67
N TRP A 165 5.91 -1.05 -5.72
CA TRP A 165 5.67 0.35 -6.02
C TRP A 165 4.17 0.57 -6.17
N VAL A 166 3.67 1.69 -5.65
CA VAL A 166 2.25 2.00 -5.58
C VAL A 166 2.10 3.48 -5.90
N THR A 167 0.99 3.85 -6.54
CA THR A 167 0.74 5.26 -6.77
C THR A 167 -0.63 5.67 -6.21
N GLN A 168 -0.70 6.92 -5.76
CA GLN A 168 -1.95 7.54 -5.30
C GLN A 168 -2.12 8.86 -6.03
N ARG A 169 -3.23 9.01 -6.75
CA ARG A 169 -3.42 10.30 -7.40
C ARG A 169 -4.40 11.14 -6.61
N PRO A 170 -4.36 12.49 -6.79
CA PRO A 170 -5.16 13.41 -5.96
C PRO A 170 -6.58 12.98 -5.70
N GLY A 171 -6.94 12.87 -4.41
CA GLY A 171 -8.29 12.62 -3.98
C GLY A 171 -8.83 11.26 -4.37
N ARG A 172 -8.01 10.47 -5.05
CA ARG A 172 -8.44 9.20 -5.60
C ARG A 172 -7.70 8.07 -4.88
N GLY A 173 -7.66 6.90 -5.51
CA GLY A 173 -7.30 5.67 -4.85
C GLY A 173 -5.84 5.29 -5.02
N LEU A 174 -5.54 4.11 -4.51
CA LEU A 174 -4.22 3.52 -4.59
C LEU A 174 -4.20 2.50 -5.72
N GLU A 175 -3.12 2.50 -6.48
CA GLU A 175 -2.94 1.54 -7.56
C GLU A 175 -1.56 0.94 -7.47
N TRP A 176 -1.50 -0.39 -7.47
CA TRP A 176 -0.23 -1.12 -7.49
C TRP A 176 0.40 -1.05 -8.87
N ILE A 177 1.69 -0.76 -8.91
CA ILE A 177 2.44 -0.69 -10.16
C ILE A 177 3.14 -2.01 -10.47
N GLY A 178 3.84 -2.55 -9.49
CA GLY A 178 4.62 -3.75 -9.68
C GLY A 178 5.52 -4.03 -8.50
N ARG A 179 6.29 -5.11 -8.61
CA ARG A 179 7.29 -5.42 -7.60
C ARG A 179 8.50 -6.06 -8.25
N ILE A 180 9.62 -5.97 -7.54
CA ILE A 180 10.89 -6.54 -8.01
C ILE A 180 11.53 -7.29 -6.86
N ASP A 181 12.05 -8.49 -7.16
CA ASP A 181 12.82 -9.29 -6.22
C ASP A 181 14.29 -9.02 -6.50
N PRO A 182 15.02 -8.39 -5.58
CA PRO A 182 16.45 -8.10 -5.87
C PRO A 182 17.29 -9.34 -6.02
N ASN A 183 16.92 -10.45 -5.38
CA ASN A 183 17.77 -11.63 -5.39
C ASN A 183 17.67 -12.39 -6.71
N SER A 184 16.44 -12.70 -7.13
CA SER A 184 16.25 -13.39 -8.40
C SER A 184 16.17 -12.46 -9.59
N GLY A 185 15.92 -11.18 -9.36
CA GLY A 185 15.67 -10.25 -10.45
C GLY A 185 14.29 -10.36 -11.06
N PHE A 186 13.45 -11.27 -10.56
CA PHE A 186 12.09 -11.42 -11.06
C PHE A 186 11.26 -10.15 -10.83
N ILE A 187 10.57 -9.70 -11.87
CA ILE A 187 9.69 -8.52 -11.80
C ILE A 187 8.29 -8.91 -12.23
N ARG A 188 7.30 -8.44 -11.45
CA ARG A 188 5.90 -8.60 -11.82
C ARG A 188 5.31 -7.19 -11.97
N TYR A 189 4.77 -6.91 -13.15
CA TYR A 189 4.14 -5.62 -13.43
C TYR A 189 2.63 -5.78 -13.44
N ASP A 190 1.92 -4.75 -12.95
CA ASP A 190 0.49 -4.67 -13.22
C ASP A 190 0.28 -4.35 -14.68
N GLU A 191 -0.72 -5.00 -15.29
CA GLU A 191 -1.08 -4.71 -16.68
C GLU A 191 -1.24 -3.22 -16.91
N ARG A 192 -1.77 -2.52 -15.90
CA ARG A 192 -2.04 -1.09 -15.99
C ARG A 192 -0.78 -0.27 -16.23
N PHE A 193 0.38 -0.74 -15.81
CA PHE A 193 1.60 0.06 -15.85
C PHE A 193 2.73 -0.60 -16.65
N LYS A 194 2.44 -1.68 -17.37
CA LYS A 194 3.54 -2.44 -17.94
C LYS A 194 4.30 -1.65 -19.00
N THR A 195 3.64 -0.75 -19.74
CA THR A 195 4.40 0.10 -20.67
C THR A 195 4.93 1.38 -20.01
N LYS A 196 4.33 1.79 -18.88
CA LYS A 196 4.67 3.05 -18.24
C LYS A 196 5.87 2.94 -17.31
N ALA A 197 6.05 1.79 -16.62
CA ALA A 197 7.04 1.70 -15.57
C ALA A 197 8.09 0.63 -15.86
N THR A 198 9.31 0.89 -15.41
CA THR A 198 10.42 -0.05 -15.47
C THR A 198 11.12 -0.10 -14.12
N LEU A 199 11.18 -1.29 -13.51
CA LEU A 199 11.79 -1.47 -12.20
C LEU A 199 13.20 -2.05 -12.31
N THR A 200 14.13 -1.48 -11.55
CA THR A 200 15.48 -2.00 -11.37
C THR A 200 15.88 -1.89 -9.90
N VAL A 201 17.01 -2.52 -9.53
CA VAL A 201 17.59 -2.38 -8.19
C VAL A 201 19.10 -2.29 -8.30
N ASP A 202 19.72 -1.66 -7.31
CA ASP A 202 21.16 -1.72 -7.08
C ASP A 202 21.35 -2.24 -5.65
N LYS A 203 21.72 -3.52 -5.52
CA LYS A 203 21.89 -4.09 -4.20
C LYS A 203 22.98 -3.41 -3.37
N PRO A 204 24.16 -3.07 -3.92
CA PRO A 204 25.18 -2.43 -3.07
C PRO A 204 24.75 -1.11 -2.45
N SER A 205 24.01 -0.27 -3.18
CA SER A 205 23.52 0.96 -2.59
C SER A 205 22.17 0.79 -1.91
N SER A 206 21.61 -0.42 -1.90
CA SER A 206 20.32 -0.69 -1.27
C SER A 206 19.23 0.22 -1.83
N THR A 207 19.21 0.38 -3.16
CA THR A 207 18.30 1.34 -3.79
C THR A 207 17.50 0.66 -4.88
N ALA A 208 16.18 0.87 -4.85
CA ALA A 208 15.30 0.44 -5.92
C ALA A 208 14.93 1.64 -6.78
N TYR A 209 14.85 1.44 -8.10
CA TYR A 209 14.49 2.49 -9.03
C TYR A 209 13.24 2.15 -9.82
N MET A 210 12.46 3.20 -10.11
CA MET A 210 11.34 3.19 -11.06
C MET A 210 11.52 4.24 -12.12
N GLN A 211 11.62 3.80 -13.39
CA GLN A 211 11.53 4.73 -14.52
C GLN A 211 10.09 4.85 -14.99
N LEU A 212 9.63 6.07 -15.16
CA LEU A 212 8.31 6.34 -15.72
C LEU A 212 8.50 7.05 -17.05
N SER A 213 7.82 6.52 -18.10
CA SER A 213 8.05 6.99 -19.47
CA SER A 213 8.04 6.98 -19.46
C SER A 213 6.82 7.71 -20.03
N SER A 214 7.06 8.43 -21.15
CA SER A 214 6.00 9.10 -21.92
C SER A 214 5.05 9.87 -21.02
N LEU A 215 5.63 10.78 -20.26
CA LEU A 215 4.93 11.44 -19.16
C LEU A 215 3.88 12.41 -19.68
N THR A 216 2.70 12.38 -19.09
CA THR A 216 1.67 13.41 -19.24
C THR A 216 1.28 13.93 -17.87
N SER A 217 0.38 14.88 -17.84
CA SER A 217 0.03 15.41 -16.53
C SER A 217 -0.91 14.48 -15.78
N ASP A 218 -1.51 13.48 -16.44
CA ASP A 218 -2.21 12.44 -15.70
C ASP A 218 -1.27 11.58 -14.87
N ASP A 219 0.04 11.63 -15.15
CA ASP A 219 1.04 10.96 -14.35
C ASP A 219 1.43 11.74 -13.11
N SER A 220 0.95 12.97 -12.97
CA SER A 220 1.20 13.75 -11.77
C SER A 220 0.49 13.09 -10.60
N ALA A 221 1.27 12.60 -9.64
CA ALA A 221 0.71 11.82 -8.53
C ALA A 221 1.83 11.63 -7.51
N VAL A 222 1.49 10.93 -6.43
CA VAL A 222 2.48 10.51 -5.43
C VAL A 222 2.84 9.06 -5.71
N TYR A 223 4.12 8.76 -5.69
CA TYR A 223 4.62 7.42 -5.97
C TYR A 223 5.35 6.90 -4.74
N PHE A 224 4.89 5.75 -4.22
CA PHE A 224 5.45 5.14 -3.02
C PHE A 224 6.22 3.87 -3.36
N CYS A 225 7.29 3.60 -2.59
CA CYS A 225 7.83 2.25 -2.48
C CYS A 225 7.34 1.65 -1.16
N ALA A 226 7.21 0.32 -1.16
CA ALA A 226 6.81 -0.39 0.05
C ALA A 226 7.39 -1.80 0.01
N ARG A 227 7.66 -2.35 1.18
CA ARG A 227 8.35 -3.63 1.27
C ARG A 227 7.37 -4.79 1.14
N GLY A 228 7.87 -5.91 0.64
CA GLY A 228 7.15 -7.17 0.72
C GLY A 228 8.10 -8.33 0.53
N CYS A 229 7.52 -9.53 0.49
CA CYS A 229 8.23 -10.76 0.12
CA CYS A 229 8.23 -10.76 0.12
C CYS A 229 7.24 -11.91 0.14
N TYR A 230 7.69 -13.07 -0.32
CA TYR A 230 6.86 -14.26 -0.38
C TYR A 230 6.49 -14.71 1.03
N GLY A 231 5.20 -14.66 1.35
CA GLY A 231 4.73 -15.07 2.65
C GLY A 231 4.91 -14.06 3.78
N CYS A 232 5.29 -12.82 3.48
CA CYS A 232 5.49 -11.77 4.46
CA CYS A 232 5.39 -11.92 4.61
C CYS A 232 4.23 -10.92 4.61
N ILE A 233 4.34 -9.91 5.47
CA ILE A 233 3.33 -8.90 5.62
C ILE A 233 3.57 -7.86 4.55
N HIS A 234 2.88 -8.00 3.41
CA HIS A 234 3.11 -7.09 2.31
C HIS A 234 2.69 -5.68 2.70
N PHE A 235 3.48 -4.70 2.26
CA PHE A 235 3.27 -3.28 2.51
C PHE A 235 3.39 -2.93 4.00
N ASP A 236 4.26 -3.63 4.73
CA ASP A 236 4.41 -3.32 6.14
C ASP A 236 5.08 -1.96 6.34
N TYR A 237 6.12 -1.65 5.57
CA TYR A 237 6.81 -0.36 5.62
C TYR A 237 6.75 0.34 4.28
N TRP A 238 6.61 1.67 4.31
CA TRP A 238 6.41 2.50 3.12
C TRP A 238 7.38 3.66 3.10
N GLY A 239 7.84 4.06 1.92
CA GLY A 239 8.48 5.35 1.78
C GLY A 239 7.49 6.49 2.00
N GLN A 240 8.04 7.71 2.14
CA GLN A 240 7.19 8.87 2.34
C GLN A 240 6.37 9.21 1.11
N GLY A 241 6.75 8.68 -0.06
CA GLY A 241 6.09 9.02 -1.31
C GLY A 241 6.76 10.18 -2.02
N THR A 242 7.05 10.04 -3.31
CA THR A 242 7.57 11.14 -4.10
C THR A 242 6.42 11.78 -4.86
N THR A 243 6.22 13.08 -4.64
CA THR A 243 5.19 13.81 -5.39
C THR A 243 5.78 14.21 -6.73
N LEU A 244 5.29 13.60 -7.80
CA LEU A 244 5.75 13.90 -9.14
C LEU A 244 4.82 14.92 -9.77
N THR A 245 5.40 16.00 -10.30
CA THR A 245 4.63 17.00 -11.04
C THR A 245 5.12 16.98 -12.47
N VAL A 246 4.20 16.76 -13.41
CA VAL A 246 4.48 16.80 -14.84
C VAL A 246 3.88 18.10 -15.38
N SER A 247 4.74 19.05 -15.72
CA SER A 247 4.29 20.31 -16.29
C SER A 247 5.37 20.86 -17.21
N SER A 248 4.92 21.60 -18.23
CA SER A 248 5.79 22.16 -19.26
C SER A 248 7.01 22.87 -18.69
#